data_7BOC
#
_entry.id   7BOC
#
_cell.length_a   96.630
_cell.length_b   96.630
_cell.length_c   112.680
_cell.angle_alpha   90.000
_cell.angle_beta   90.000
_cell.angle_gamma   120.000
#
_symmetry.space_group_name_H-M   'P 31 2 1'
#
loop_
_entity.id
_entity.type
_entity.pdbx_description
1 polymer 'Protein arginine N-methyltransferase 5'
2 polymer peptide
#
loop_
_entity_poly.entity_id
_entity_poly.type
_entity_poly.pdbx_seq_one_letter_code
_entity_poly.pdbx_strand_id
1 'polypeptide(L)'
;MAAMAVGGAGGSRVSSGRDLNCVPEIADTLGAVAKQGFDFLCMPVFHPRFKREFIQEPAKNRPGPQTRSDLLLSGRDWNT
LIVGKLSPWIRPDSKVEKIRRNSEAAMLQELNFGAYLGLPAFLLPLNQEDNTNLARVLTNHIHTGHHSSMFWMRVPLVAP
EDLRDDIIENAPTTHTEEYSGEEKTWMWWHNFRTLCDYSKRIAVALEIGADLPSNHVIDRWLGEPIKAAILPTSIFLTNK
KGFPVLSKMHQRLIFRLLKLEVQFIITGTNHHSEKEFCSYLQYLEYLSQNRP
;
A
2 'polypeptide(L)' SRVVPGQFDDADSSD B
#
# COMPACT_ATOMS: atom_id res chain seq x y z
N LEU A 41 -12.36 11.26 3.71
CA LEU A 41 -11.60 10.78 4.85
C LEU A 41 -10.23 10.23 4.42
N CYS A 42 -9.20 10.50 5.23
CA CYS A 42 -7.79 10.43 4.86
C CYS A 42 -7.04 9.32 5.61
N MET A 43 -5.72 9.27 5.37
CA MET A 43 -4.87 8.24 5.88
C MET A 43 -3.41 8.69 6.02
N PRO A 44 -2.71 8.28 7.12
CA PRO A 44 -1.38 8.81 7.38
C PRO A 44 -0.29 7.92 6.85
N VAL A 45 0.60 8.49 6.10
CA VAL A 45 1.74 7.77 5.57
C VAL A 45 2.95 8.17 6.37
N PHE A 46 3.88 7.24 6.60
CA PHE A 46 5.06 7.51 7.38
C PHE A 46 6.29 7.28 6.53
N HIS A 47 7.11 8.30 6.40
CA HIS A 47 8.24 8.24 5.50
C HIS A 47 9.50 8.33 6.34
N PRO A 48 10.42 7.38 6.20
CA PRO A 48 11.58 7.36 7.10
C PRO A 48 12.50 8.52 6.78
N ARG A 49 12.83 9.28 7.82
CA ARG A 49 13.68 10.44 7.68
C ARG A 49 15.17 10.08 7.72
N PHE A 50 15.49 8.81 7.47
CA PHE A 50 16.87 8.31 7.56
C PHE A 50 17.28 7.76 6.19
N LYS A 51 18.34 8.34 5.63
CA LYS A 51 18.84 7.94 4.32
C LYS A 51 20.35 7.67 4.34
N ASP A 77 13.61 9.07 14.01
CA ASP A 77 13.38 10.20 13.10
C ASP A 77 12.51 9.78 11.91
N TRP A 78 11.19 9.93 12.05
CA TRP A 78 10.23 9.68 10.98
C TRP A 78 9.65 10.99 10.49
N ASN A 79 8.85 10.91 9.43
CA ASN A 79 8.03 12.02 8.94
C ASN A 79 6.65 11.50 8.59
N THR A 80 5.64 12.37 8.70
CA THR A 80 4.26 11.96 8.47
C THR A 80 3.55 12.87 7.49
N LEU A 81 2.81 12.26 6.57
CA LEU A 81 2.07 13.01 5.59
C LEU A 81 0.72 12.34 5.39
N ILE A 82 -0.11 13.02 4.60
CA ILE A 82 -1.52 12.69 4.43
C ILE A 82 -1.75 12.32 2.98
N VAL A 83 -2.48 11.23 2.78
CA VAL A 83 -2.90 10.81 1.45
C VAL A 83 -4.37 10.53 1.58
N GLY A 84 -5.10 10.78 0.52
CA GLY A 84 -6.51 10.54 0.55
C GLY A 84 -6.80 9.11 0.17
N LYS A 85 -7.97 8.65 0.59
CA LYS A 85 -8.41 7.29 0.35
C LYS A 85 -9.81 7.32 -0.23
N LEU A 86 -9.99 6.68 -1.37
CA LEU A 86 -11.30 6.48 -1.94
C LEU A 86 -12.20 5.67 -1.01
N SER A 87 -13.43 6.16 -0.78
CA SER A 87 -14.42 5.44 0.03
C SER A 87 -14.49 4.00 -0.47
N PRO A 88 -14.68 3.03 0.42
CA PRO A 88 -14.57 1.62 0.00
C PRO A 88 -15.75 1.15 -0.84
N TRP A 89 -16.96 1.67 -0.59
CA TRP A 89 -18.16 1.22 -1.31
C TRP A 89 -18.08 1.58 -2.78
N ILE A 90 -17.09 2.35 -3.19
CA ILE A 90 -16.98 2.77 -4.59
C ILE A 90 -16.41 1.65 -5.42
N ARG A 91 -17.17 1.17 -6.41
CA ARG A 91 -16.69 0.07 -7.26
C ARG A 91 -17.01 0.34 -8.73
N PRO A 92 -16.15 1.12 -9.40
CA PRO A 92 -16.44 1.57 -10.77
C PRO A 92 -16.59 0.46 -11.77
N ASP A 93 -16.14 -0.75 -11.45
CA ASP A 93 -16.27 -1.86 -12.38
C ASP A 93 -17.20 -2.94 -11.83
N SER A 94 -18.16 -2.55 -10.98
CA SER A 94 -19.17 -3.51 -10.54
C SER A 94 -19.90 -4.10 -11.74
N LYS A 95 -20.15 -5.40 -11.67
CA LYS A 95 -20.94 -6.06 -12.71
C LYS A 95 -22.27 -5.37 -12.91
N VAL A 96 -22.80 -4.79 -11.83
CA VAL A 96 -24.10 -4.12 -11.89
C VAL A 96 -23.95 -2.77 -12.58
N GLU A 97 -24.93 -2.43 -13.39
CA GLU A 97 -24.93 -1.14 -14.07
C GLU A 97 -24.99 0.02 -13.07
N LYS A 98 -25.99 0.02 -12.19
CA LYS A 98 -26.23 1.20 -11.38
C LYS A 98 -25.04 1.55 -10.51
N ILE A 99 -24.35 0.54 -9.98
CA ILE A 99 -23.24 0.84 -9.09
C ILE A 99 -22.12 1.50 -9.87
N ARG A 100 -21.88 1.01 -11.09
CA ARG A 100 -20.89 1.66 -11.93
C ARG A 100 -21.17 3.15 -12.07
N ARG A 101 -22.43 3.54 -12.28
CA ARG A 101 -22.72 4.95 -12.51
C ARG A 101 -22.59 5.75 -11.23
N ASN A 102 -23.15 5.24 -10.14
CA ASN A 102 -22.97 5.89 -8.85
C ASN A 102 -21.49 5.98 -8.49
N SER A 103 -20.70 4.94 -8.77
CA SER A 103 -19.33 4.95 -8.30
C SER A 103 -18.48 5.88 -9.15
N GLU A 104 -18.72 5.88 -10.46
CA GLU A 104 -18.00 6.77 -11.35
C GLU A 104 -18.22 8.22 -10.94
N ALA A 105 -19.44 8.55 -10.54
CA ALA A 105 -19.74 9.88 -10.04
C ALA A 105 -19.03 10.16 -8.72
N ALA A 106 -19.13 9.24 -7.76
CA ALA A 106 -18.57 9.51 -6.44
C ALA A 106 -17.05 9.61 -6.49
N MET A 107 -16.43 8.82 -7.37
CA MET A 107 -14.98 8.86 -7.48
C MET A 107 -14.51 10.26 -7.84
N LEU A 108 -15.22 10.94 -8.75
CA LEU A 108 -14.75 12.25 -9.16
C LEU A 108 -14.97 13.27 -8.06
N GLN A 109 -16.13 13.23 -7.40
CA GLN A 109 -16.33 14.04 -6.21
C GLN A 109 -15.10 13.97 -5.31
N GLU A 110 -14.62 12.75 -5.04
CA GLU A 110 -13.59 12.58 -4.01
C GLU A 110 -12.21 12.94 -4.55
N LEU A 111 -11.94 12.67 -5.82
CA LEU A 111 -10.67 13.10 -6.39
C LEU A 111 -10.56 14.63 -6.36
N ASN A 112 -11.63 15.34 -6.73
CA ASN A 112 -11.56 16.80 -6.71
C ASN A 112 -11.49 17.34 -5.29
N PHE A 113 -12.23 16.76 -4.35
CA PHE A 113 -12.04 17.16 -2.95
C PHE A 113 -10.58 16.97 -2.53
N GLY A 114 -9.93 15.89 -2.97
CA GLY A 114 -8.53 15.69 -2.61
C GLY A 114 -7.60 16.73 -3.24
N ALA A 115 -7.87 17.09 -4.50
CA ALA A 115 -7.04 18.09 -5.16
C ALA A 115 -7.22 19.44 -4.48
N TYR A 116 -8.47 19.76 -4.14
CA TYR A 116 -8.79 21.00 -3.45
C TYR A 116 -8.02 21.13 -2.15
N LEU A 117 -7.79 20.02 -1.43
CA LEU A 117 -6.98 20.08 -0.20
C LEU A 117 -5.50 19.94 -0.45
N GLY A 118 -5.06 19.74 -1.68
CA GLY A 118 -3.63 19.70 -1.89
C GLY A 118 -2.98 18.45 -1.38
N LEU A 119 -3.78 17.41 -1.20
CA LEU A 119 -3.26 16.11 -0.80
C LEU A 119 -2.21 15.69 -1.82
N PRO A 120 -1.01 15.32 -1.38
CA PRO A 120 0.07 15.02 -2.33
C PRO A 120 -0.17 13.76 -3.13
N ALA A 121 -0.88 12.78 -2.57
CA ALA A 121 -1.16 11.57 -3.29
C ALA A 121 -2.56 11.06 -2.95
N PHE A 122 -3.07 10.18 -3.80
CA PHE A 122 -4.35 9.58 -3.52
C PHE A 122 -4.35 8.08 -3.75
N LEU A 123 -4.92 7.34 -2.79
CA LEU A 123 -4.89 5.89 -2.83
C LEU A 123 -6.11 5.28 -3.54
N LEU A 124 -5.87 4.63 -4.68
CA LEU A 124 -6.98 4.00 -5.37
C LEU A 124 -6.81 2.50 -5.47
N PRO A 125 -7.78 1.71 -5.03
CA PRO A 125 -7.54 0.28 -4.90
C PRO A 125 -7.82 -0.44 -6.21
N LEU A 126 -6.96 -1.39 -6.52
CA LEU A 126 -7.31 -2.30 -7.61
C LEU A 126 -7.18 -3.74 -7.10
N ASN A 127 -8.29 -4.47 -7.09
CA ASN A 127 -8.24 -5.83 -6.63
C ASN A 127 -9.09 -6.74 -7.50
N GLN A 128 -8.92 -6.60 -8.81
CA GLN A 128 -9.53 -7.52 -9.76
C GLN A 128 -8.76 -7.38 -11.05
N GLU A 129 -9.06 -8.25 -12.00
CA GLU A 129 -8.48 -8.16 -13.32
C GLU A 129 -8.86 -6.85 -14.00
N ASP A 130 -10.17 -6.61 -14.17
CA ASP A 130 -10.63 -5.54 -15.04
C ASP A 130 -10.80 -4.22 -14.28
N ASN A 131 -10.15 -3.18 -14.80
CA ASN A 131 -10.26 -1.84 -14.25
C ASN A 131 -10.39 -0.79 -15.35
N THR A 132 -11.06 -1.12 -16.46
CA THR A 132 -11.21 -0.15 -17.54
C THR A 132 -11.96 1.09 -17.05
N ASN A 133 -13.06 0.90 -16.33
CA ASN A 133 -13.77 2.04 -15.81
C ASN A 133 -12.90 2.87 -14.90
N LEU A 134 -12.21 2.21 -13.95
CA LEU A 134 -11.33 2.96 -13.05
C LEU A 134 -10.26 3.69 -13.84
N ALA A 135 -9.75 3.10 -14.92
CA ALA A 135 -8.68 3.83 -15.61
C ALA A 135 -9.24 5.08 -16.29
N ARG A 136 -10.45 4.97 -16.87
CA ARG A 136 -11.03 6.06 -17.66
C ARG A 136 -11.34 7.29 -16.80
N VAL A 137 -12.17 7.10 -15.76
CA VAL A 137 -12.45 8.20 -14.82
C VAL A 137 -11.16 8.86 -14.36
N LEU A 138 -10.10 8.09 -14.19
CA LEU A 138 -8.87 8.63 -13.64
C LEU A 138 -8.14 9.45 -14.69
N THR A 139 -7.99 8.90 -15.89
CA THR A 139 -7.50 9.65 -17.03
C THR A 139 -8.32 10.90 -17.30
N ASN A 140 -9.64 10.84 -17.15
CA ASN A 140 -10.43 12.05 -17.36
C ASN A 140 -10.08 13.09 -16.31
N HIS A 141 -9.95 12.66 -15.05
CA HIS A 141 -9.71 13.61 -13.97
C HIS A 141 -8.34 14.26 -14.10
N ILE A 142 -7.38 13.52 -14.63
CA ILE A 142 -6.07 14.12 -14.81
C ILE A 142 -6.13 15.21 -15.87
N HIS A 143 -6.90 14.97 -16.94
CA HIS A 143 -6.96 15.93 -18.05
C HIS A 143 -7.44 17.30 -17.63
N THR A 144 -8.31 17.36 -16.63
CA THR A 144 -8.83 18.63 -16.16
C THR A 144 -7.72 19.56 -15.66
N GLY A 145 -6.67 19.02 -15.05
CA GLY A 145 -5.58 19.83 -14.54
C GLY A 145 -5.59 20.08 -13.04
N HIS A 146 -6.72 19.85 -12.37
CA HIS A 146 -6.82 20.02 -10.91
C HIS A 146 -6.75 18.62 -10.29
N HIS A 147 -5.53 18.16 -10.01
CA HIS A 147 -5.28 16.80 -9.55
C HIS A 147 -4.19 16.82 -8.48
N SER A 148 -4.28 15.85 -7.57
CA SER A 148 -3.34 15.68 -6.47
C SER A 148 -1.97 15.36 -7.03
N SER A 149 -1.93 14.98 -8.29
CA SER A 149 -0.68 14.93 -9.03
C SER A 149 0.11 13.67 -8.73
N MET A 150 -0.34 12.82 -7.79
CA MET A 150 0.18 11.45 -7.66
C MET A 150 -0.93 10.49 -7.24
N PHE A 151 -1.01 9.34 -7.90
CA PHE A 151 -2.02 8.32 -7.63
C PHE A 151 -1.33 6.99 -7.32
N TRP A 152 -1.52 6.49 -6.09
CA TRP A 152 -0.92 5.24 -5.63
C TRP A 152 -1.97 4.12 -5.69
N MET A 153 -1.78 3.16 -6.60
CA MET A 153 -2.70 2.02 -6.72
C MET A 153 -2.39 0.97 -5.66
N ARG A 154 -3.40 0.65 -4.84
CA ARG A 154 -3.31 -0.29 -3.72
C ARG A 154 -3.53 -1.71 -4.24
N VAL A 155 -2.45 -2.48 -4.29
CA VAL A 155 -2.47 -3.79 -4.94
C VAL A 155 -1.91 -4.85 -3.99
N PRO A 156 -2.54 -6.02 -3.89
CA PRO A 156 -1.97 -7.08 -3.03
C PRO A 156 -0.85 -7.82 -3.73
N LEU A 157 0.26 -7.99 -3.01
CA LEU A 157 1.31 -8.86 -3.47
C LEU A 157 0.79 -10.25 -3.78
N VAL A 158 -0.13 -10.75 -2.95
CA VAL A 158 -0.77 -12.04 -3.22
C VAL A 158 -2.27 -11.83 -3.19
N ALA A 159 -2.97 -12.42 -4.15
CA ALA A 159 -4.43 -12.33 -4.17
C ALA A 159 -5.02 -12.98 -2.93
N PRO A 160 -5.94 -12.31 -2.22
CA PRO A 160 -6.54 -12.92 -1.03
C PRO A 160 -7.42 -14.12 -1.32
N GLU A 161 -8.12 -14.13 -2.46
CA GLU A 161 -8.96 -15.27 -2.79
C GLU A 161 -8.13 -16.51 -3.10
N ASP A 162 -6.90 -16.31 -3.57
CA ASP A 162 -5.98 -17.43 -3.74
C ASP A 162 -5.78 -18.18 -2.43
N LEU A 163 -5.59 -17.45 -1.34
CA LEU A 163 -5.42 -18.07 -0.03
C LEU A 163 -6.78 -18.26 0.63
N ARG A 164 -7.51 -19.23 0.10
CA ARG A 164 -8.88 -19.54 0.53
C ARG A 164 -9.69 -18.25 0.63
N TYR A 179 0.37 -15.20 -17.77
CA TYR A 179 0.69 -15.84 -16.49
C TYR A 179 -0.37 -15.56 -15.44
N SER A 180 -1.03 -16.64 -15.00
CA SER A 180 -2.15 -16.58 -14.09
C SER A 180 -1.82 -17.07 -12.69
N GLY A 181 -0.54 -17.29 -12.39
CA GLY A 181 -0.24 -17.87 -11.11
C GLY A 181 0.01 -16.84 -10.03
N GLU A 182 1.23 -16.88 -9.48
CA GLU A 182 1.59 -15.90 -8.47
C GLU A 182 1.85 -14.55 -9.10
N GLU A 183 1.97 -14.47 -10.43
CA GLU A 183 2.19 -13.20 -11.12
C GLU A 183 0.89 -12.49 -11.43
N LYS A 184 -0.23 -13.06 -11.02
CA LYS A 184 -1.54 -12.49 -11.29
C LYS A 184 -1.62 -11.02 -10.91
N THR A 185 -1.50 -10.71 -9.62
CA THR A 185 -1.67 -9.31 -9.23
C THR A 185 -0.67 -8.40 -9.94
N TRP A 186 0.44 -8.91 -10.45
CA TRP A 186 1.33 -8.02 -11.18
C TRP A 186 0.71 -7.63 -12.51
N MET A 187 0.10 -8.61 -13.17
CA MET A 187 -0.60 -8.39 -14.42
C MET A 187 -1.71 -7.37 -14.24
N TRP A 188 -2.56 -7.56 -13.22
CA TRP A 188 -3.47 -6.51 -12.80
C TRP A 188 -2.81 -5.14 -12.96
N TRP A 189 -1.76 -4.88 -12.22
CA TRP A 189 -1.15 -3.55 -12.29
C TRP A 189 -0.63 -3.24 -13.67
N HIS A 190 -0.03 -4.22 -14.31
CA HIS A 190 0.67 -3.91 -15.53
C HIS A 190 -0.33 -3.50 -16.60
N ASN A 191 -1.48 -4.16 -16.57
CA ASN A 191 -2.56 -3.90 -17.50
C ASN A 191 -3.14 -2.50 -17.29
N PHE A 192 -3.53 -2.19 -16.06
CA PHE A 192 -3.88 -0.82 -15.75
C PHE A 192 -2.76 0.17 -16.09
N ARG A 193 -1.52 -0.19 -15.79
CA ARG A 193 -0.43 0.73 -16.08
C ARG A 193 -0.45 1.11 -17.55
N THR A 194 -0.68 0.13 -18.43
CA THR A 194 -0.64 0.43 -19.84
C THR A 194 -1.90 1.17 -20.27
N LEU A 195 -3.03 0.95 -19.57
CA LEU A 195 -4.25 1.70 -19.89
C LEU A 195 -4.08 3.19 -19.62
N CYS A 196 -3.26 3.56 -18.65
CA CYS A 196 -2.97 4.96 -18.39
C CYS A 196 -1.73 5.43 -19.11
N ASP A 197 -1.31 4.71 -20.15
CA ASP A 197 -0.17 5.12 -20.99
C ASP A 197 1.07 5.41 -20.14
N TYR A 198 1.34 4.52 -19.19
CA TYR A 198 2.55 4.57 -18.36
C TYR A 198 2.71 5.96 -17.81
N SER A 199 1.63 6.43 -17.19
CA SER A 199 1.61 7.80 -16.70
C SER A 199 2.52 7.97 -15.50
N LYS A 200 3.46 8.90 -15.59
CA LYS A 200 4.29 9.15 -14.42
C LYS A 200 3.49 9.54 -13.18
N ARG A 201 2.20 9.87 -13.28
CA ARG A 201 1.43 10.24 -12.09
C ARG A 201 0.93 9.01 -11.35
N ILE A 202 1.10 7.83 -11.93
CA ILE A 202 0.55 6.60 -11.40
C ILE A 202 1.69 5.72 -10.90
N ALA A 203 1.60 5.34 -9.65
CA ALA A 203 2.58 4.49 -8.99
C ALA A 203 1.82 3.40 -8.24
N VAL A 204 2.52 2.62 -7.43
CA VAL A 204 1.87 1.53 -6.71
C VAL A 204 2.17 1.62 -5.23
N ALA A 205 1.19 1.21 -4.45
CA ALA A 205 1.29 1.05 -3.01
C ALA A 205 1.03 -0.42 -2.75
N LEU A 206 2.08 -1.17 -2.42
CA LEU A 206 1.96 -2.63 -2.40
C LEU A 206 1.51 -3.12 -1.03
N GLU A 207 0.52 -4.02 -1.01
CA GLU A 207 -0.01 -4.54 0.24
C GLU A 207 0.61 -5.90 0.54
N ILE A 208 1.16 -6.06 1.76
CA ILE A 208 1.86 -7.28 2.18
C ILE A 208 0.94 -8.12 3.05
N GLY A 209 0.96 -9.43 2.81
CA GLY A 209 0.22 -10.39 3.60
C GLY A 209 1.16 -11.37 4.31
N ALA A 210 0.55 -12.45 4.80
CA ALA A 210 1.34 -13.49 5.45
C ALA A 210 2.07 -14.36 4.44
N ASP A 211 1.33 -14.92 3.47
CA ASP A 211 1.95 -15.60 2.34
C ASP A 211 2.80 -14.62 1.55
N LEU A 212 3.89 -15.12 0.98
CA LEU A 212 4.83 -14.41 0.13
C LEU A 212 5.08 -15.20 -1.13
N PRO A 213 5.17 -14.56 -2.25
CA PRO A 213 5.40 -15.29 -3.49
C PRO A 213 6.87 -15.50 -3.77
N SER A 214 7.15 -16.18 -4.86
CA SER A 214 8.53 -16.49 -5.19
C SER A 214 9.35 -15.23 -5.35
N ASN A 215 10.61 -15.43 -5.72
CA ASN A 215 11.54 -14.35 -5.97
C ASN A 215 11.49 -13.86 -7.40
N HIS A 216 11.26 -14.78 -8.35
CA HIS A 216 11.04 -14.37 -9.72
C HIS A 216 9.88 -13.36 -9.79
N VAL A 217 8.84 -13.54 -8.98
CA VAL A 217 7.76 -12.57 -9.03
C VAL A 217 8.10 -11.34 -8.17
N ILE A 218 8.90 -11.51 -7.13
CA ILE A 218 9.30 -10.37 -6.31
C ILE A 218 10.22 -9.45 -7.11
N ASP A 219 11.16 -10.06 -7.80
CA ASP A 219 11.93 -9.33 -8.80
C ASP A 219 11.04 -8.52 -9.73
N ARG A 220 9.99 -9.14 -10.30
CA ARG A 220 9.21 -8.41 -11.30
C ARG A 220 8.67 -7.13 -10.70
N TRP A 221 8.10 -7.24 -9.49
CA TRP A 221 7.47 -6.10 -8.86
C TRP A 221 8.46 -5.00 -8.59
N LEU A 222 9.69 -5.36 -8.24
CA LEU A 222 10.65 -4.34 -7.88
C LEU A 222 11.11 -3.54 -9.09
N GLY A 223 10.74 -3.95 -10.31
CA GLY A 223 10.95 -3.09 -11.45
C GLY A 223 9.93 -1.99 -11.59
N GLU A 224 8.74 -2.21 -11.04
CA GLU A 224 7.62 -1.28 -11.09
C GLU A 224 7.89 -0.09 -10.18
N PRO A 225 7.08 1.00 -10.29
CA PRO A 225 7.32 2.16 -9.40
C PRO A 225 6.56 2.14 -8.09
N ILE A 226 7.12 1.47 -7.08
CA ILE A 226 6.48 1.38 -5.76
C ILE A 226 6.79 2.61 -4.94
N LYS A 227 5.74 3.34 -4.57
CA LYS A 227 5.94 4.49 -3.71
C LYS A 227 5.82 4.18 -2.24
N ALA A 228 5.10 3.13 -1.88
CA ALA A 228 4.79 2.85 -0.49
C ALA A 228 4.46 1.38 -0.34
N ALA A 229 4.51 0.92 0.91
CA ALA A 229 4.23 -0.46 1.27
C ALA A 229 3.26 -0.45 2.43
N ILE A 230 2.29 -1.32 2.36
CA ILE A 230 1.17 -1.34 3.28
C ILE A 230 1.32 -2.59 4.12
N LEU A 231 1.43 -2.39 5.42
CA LEU A 231 1.79 -3.48 6.34
C LEU A 231 0.74 -3.60 7.42
N PRO A 232 -0.02 -4.68 7.45
CA PRO A 232 -0.99 -4.84 8.53
C PRO A 232 -0.32 -5.30 9.81
N THR A 233 -0.86 -4.83 10.92
CA THR A 233 -0.31 -5.27 12.19
C THR A 233 -0.35 -6.78 12.31
N SER A 234 -1.23 -7.44 11.56
CA SER A 234 -1.41 -8.87 11.76
C SER A 234 -0.23 -9.68 11.24
N ILE A 235 0.69 -9.10 10.47
CA ILE A 235 1.80 -9.89 9.97
C ILE A 235 3.00 -9.82 10.90
N PHE A 236 2.94 -9.06 11.98
CA PHE A 236 4.05 -9.04 12.92
C PHE A 236 3.93 -10.18 13.92
N LEU A 237 5.03 -10.88 14.17
CA LEU A 237 5.11 -11.76 15.33
C LEU A 237 5.42 -10.93 16.57
N THR A 238 5.09 -11.50 17.73
CA THR A 238 5.63 -10.97 18.97
C THR A 238 6.80 -11.84 19.39
N ASN A 239 7.81 -11.22 20.01
CA ASN A 239 9.04 -11.89 20.36
C ASN A 239 9.01 -12.21 21.86
N LYS A 240 10.08 -12.85 22.38
CA LYS A 240 10.12 -13.20 23.80
C LYS A 240 9.74 -12.01 24.68
N LYS A 241 10.32 -10.85 24.39
CA LYS A 241 10.07 -9.67 25.20
C LYS A 241 8.68 -9.08 24.99
N GLY A 242 7.88 -9.54 24.02
CA GLY A 242 6.51 -9.10 23.92
C GLY A 242 6.25 -7.92 23.00
N PHE A 243 7.02 -7.81 21.92
CA PHE A 243 6.97 -6.67 21.02
C PHE A 243 6.80 -7.18 19.60
N PRO A 244 6.37 -6.31 18.69
CA PRO A 244 6.11 -6.72 17.33
C PRO A 244 7.40 -6.80 16.53
N VAL A 245 7.52 -7.87 15.75
CA VAL A 245 8.69 -8.08 14.92
C VAL A 245 8.20 -8.82 13.70
N LEU A 246 8.99 -8.72 12.65
CA LEU A 246 8.68 -9.36 11.39
C LEU A 246 9.33 -10.74 11.32
N SER A 247 8.58 -11.69 10.81
CA SER A 247 9.14 -12.96 10.41
C SER A 247 10.42 -12.77 9.61
N LYS A 248 11.30 -13.75 9.67
CA LYS A 248 12.53 -13.71 8.91
C LYS A 248 12.30 -13.54 7.40
N MET A 249 11.47 -14.38 6.77
CA MET A 249 11.11 -14.09 5.37
C MET A 249 10.67 -12.64 5.20
N HIS A 250 9.77 -12.16 6.07
CA HIS A 250 9.21 -10.81 5.90
C HIS A 250 10.27 -9.76 6.08
N GLN A 251 11.27 -10.05 6.92
CA GLN A 251 12.35 -9.09 7.14
C GLN A 251 13.17 -8.90 5.87
N ARG A 252 13.40 -9.98 5.14
CA ARG A 252 14.21 -9.88 3.94
C ARG A 252 13.48 -9.06 2.89
N LEU A 253 12.16 -9.22 2.82
CA LEU A 253 11.39 -8.43 1.87
C LEU A 253 11.46 -6.96 2.22
N ILE A 254 11.10 -6.61 3.46
CA ILE A 254 11.03 -5.20 3.84
C ILE A 254 12.36 -4.52 3.59
N PHE A 255 13.43 -5.11 4.09
CA PHE A 255 14.73 -4.54 3.82
C PHE A 255 14.89 -4.21 2.34
N ARG A 256 14.40 -5.09 1.45
CA ARG A 256 14.50 -4.81 0.02
C ARG A 256 13.67 -3.57 -0.36
N LEU A 257 12.66 -3.25 0.44
CA LEU A 257 11.80 -2.10 0.21
C LEU A 257 12.35 -0.81 0.80
N LEU A 258 13.03 -0.87 1.95
CA LEU A 258 13.70 0.32 2.44
C LEU A 258 14.89 0.71 1.59
N LYS A 259 15.28 -0.14 0.64
CA LYS A 259 16.32 0.24 -0.31
C LYS A 259 15.80 1.17 -1.39
N LEU A 260 14.48 1.20 -1.63
CA LEU A 260 13.84 2.13 -2.56
C LEU A 260 13.31 3.37 -1.85
N GLU A 261 13.38 3.42 -0.52
CA GLU A 261 13.01 4.59 0.25
C GLU A 261 11.50 4.80 0.27
N VAL A 262 10.75 3.71 0.11
CA VAL A 262 9.32 3.83 0.08
C VAL A 262 8.84 4.44 1.40
N GLN A 263 7.61 4.90 1.36
CA GLN A 263 6.90 5.36 2.54
C GLN A 263 6.13 4.17 3.10
N PHE A 264 5.63 4.31 4.32
CA PHE A 264 4.97 3.20 4.96
C PHE A 264 3.58 3.58 5.43
N ILE A 265 2.70 2.58 5.33
CA ILE A 265 1.36 2.64 5.84
C ILE A 265 1.10 1.39 6.66
N ILE A 266 0.56 1.57 7.85
CA ILE A 266 0.28 0.51 8.80
C ILE A 266 -1.22 0.45 9.02
N THR A 267 -1.83 -0.69 8.70
CA THR A 267 -3.26 -0.86 8.88
C THR A 267 -3.55 -1.73 10.10
N GLY A 268 -4.77 -1.61 10.63
CA GLY A 268 -5.12 -2.37 11.81
C GLY A 268 -4.77 -1.70 13.12
N THR A 269 -4.50 -0.40 13.11
CA THR A 269 -4.25 0.36 14.33
C THR A 269 -5.45 0.37 15.27
N ASN A 270 -6.61 -0.12 14.82
CA ASN A 270 -7.75 -0.25 15.72
C ASN A 270 -7.36 -1.10 16.92
N HIS A 271 -7.97 -0.77 18.06
CA HIS A 271 -7.67 -1.42 19.34
C HIS A 271 -6.16 -1.51 19.59
N HIS A 272 -5.43 -0.43 19.25
CA HIS A 272 -3.98 -0.36 19.47
C HIS A 272 -3.63 0.98 20.08
N SER A 273 -3.17 0.96 21.34
CA SER A 273 -2.80 2.18 22.03
C SER A 273 -1.79 2.94 21.18
N GLU A 274 -1.68 4.26 21.38
CA GLU A 274 -0.71 5.03 20.61
C GLU A 274 0.73 4.70 21.03
N LYS A 275 0.93 4.22 22.25
CA LYS A 275 2.26 3.77 22.64
C LYS A 275 2.61 2.42 22.03
N GLU A 276 1.61 1.55 21.83
CA GLU A 276 1.84 0.29 21.13
C GLU A 276 2.10 0.53 19.64
N PHE A 277 1.25 1.34 18.99
CA PHE A 277 1.48 1.61 17.57
C PHE A 277 2.87 2.20 17.32
N CYS A 278 3.42 2.92 18.29
CA CYS A 278 4.75 3.53 18.10
C CYS A 278 5.83 2.48 17.91
N SER A 279 5.67 1.29 18.50
CA SER A 279 6.74 0.29 18.43
C SER A 279 6.91 -0.27 17.02
N TYR A 280 5.81 -0.46 16.28
CA TYR A 280 5.93 -0.94 14.90
C TYR A 280 6.93 -0.09 14.14
N LEU A 281 6.85 1.23 14.31
CA LEU A 281 7.77 2.12 13.62
C LEU A 281 9.19 1.98 14.16
N GLN A 282 9.34 1.92 15.49
CA GLN A 282 10.65 1.65 16.08
C GLN A 282 11.29 0.44 15.43
N TYR A 283 10.55 -0.66 15.34
CA TYR A 283 11.11 -1.86 14.74
C TYR A 283 11.61 -1.62 13.33
N LEU A 284 10.81 -0.92 12.52
CA LEU A 284 11.16 -0.68 11.13
C LEU A 284 12.38 0.20 11.02
N GLU A 285 12.50 1.17 11.93
CA GLU A 285 13.71 1.96 11.95
C GLU A 285 14.90 1.10 12.34
N TYR A 286 14.74 0.18 13.29
CA TYR A 286 15.87 -0.70 13.60
C TYR A 286 16.23 -1.54 12.40
N LEU A 287 15.22 -2.15 11.80
CA LEU A 287 15.43 -2.99 10.63
C LEU A 287 16.19 -2.26 9.53
N SER A 288 16.27 -0.94 9.59
CA SER A 288 16.99 -0.20 8.57
C SER A 288 18.45 -0.59 8.54
N GLN A 289 19.02 -0.97 9.71
CA GLN A 289 20.42 -1.40 9.84
C GLN A 289 20.46 -2.88 10.26
N ASN A 290 20.55 -3.76 9.26
CA ASN A 290 20.57 -5.21 9.47
C ASN A 290 21.20 -5.86 8.21
N SER B 1 8.46 5.25 24.12
CA SER B 1 9.39 5.52 23.03
C SER B 1 10.85 5.38 23.48
N ARG B 2 11.06 4.82 24.66
CA ARG B 2 12.40 4.53 25.18
C ARG B 2 12.72 3.06 24.92
N VAL B 3 13.69 2.79 24.06
CA VAL B 3 13.98 1.41 23.66
C VAL B 3 14.54 0.62 24.83
N VAL B 4 14.11 -0.64 24.96
CA VAL B 4 14.56 -1.54 26.03
C VAL B 4 15.36 -2.71 25.49
N PRO B 5 16.10 -3.43 26.34
CA PRO B 5 16.98 -4.49 25.84
C PRO B 5 16.17 -5.67 25.31
N GLY B 6 16.53 -6.15 24.12
CA GLY B 6 15.78 -7.20 23.45
C GLY B 6 14.53 -6.74 22.70
N GLN B 7 14.30 -5.44 22.51
CA GLN B 7 13.04 -4.99 21.95
C GLN B 7 12.81 -5.60 20.57
N PHE B 8 13.87 -5.66 19.78
CA PHE B 8 13.86 -5.99 18.36
C PHE B 8 14.28 -7.43 18.08
N ASP B 9 14.48 -8.22 19.15
CA ASP B 9 14.85 -9.61 19.00
C ASP B 9 13.81 -10.38 18.20
N ASP B 10 14.27 -11.47 17.60
CA ASP B 10 13.42 -12.25 16.74
C ASP B 10 12.45 -13.10 17.55
N ALA B 11 11.30 -13.37 16.95
CA ALA B 11 10.35 -14.26 17.58
C ALA B 11 10.94 -15.67 17.61
N ASP B 12 11.28 -16.16 18.79
CA ASP B 12 11.73 -17.55 18.97
C ASP B 12 10.55 -18.52 19.00
N SER B 13 9.57 -18.26 18.13
CA SER B 13 8.34 -19.01 17.95
C SER B 13 7.56 -18.29 16.84
N SER B 14 6.57 -18.98 16.29
CA SER B 14 5.76 -18.35 15.25
C SER B 14 4.31 -18.16 15.68
#